data_6JD6
#
_entry.id   6JD6
#
_cell.length_a   216.816
_cell.length_b   216.816
_cell.length_c   216.816
_cell.angle_alpha   90.000
_cell.angle_beta   90.000
_cell.angle_gamma   90.000
#
_symmetry.space_group_name_H-M   'I 41 3 2'
#
loop_
_entity.id
_entity.type
_entity.pdbx_description
1 polymer 'Ankyrin repeat domain-containing protein EMB506, chloroplastic'
2 polymer 'Ankyrin repeat domain-containing protein, chloroplastic'
3 non-polymer 'SULFATE ION'
4 water water
#
loop_
_entity_poly.entity_id
_entity_poly.type
_entity_poly.pdbx_seq_one_letter_code
_entity_poly.pdbx_strand_id
1 'polypeptide(L)'
;SSVKRQSTARTRSFTETNRRTPSVQSKHEFWEDPDDGSDSENEYEGEEEDGIGNDLDNESDWEDDSRVQKLTTTDNYEEE
LAKEVEQLLEPEERVILQQNEKPNLKMISTKSWKPLQTLALSMQIQLMDNLIENGLDIDDVDKDNQTALHKAIIGKKEAV
ISHLLRKGANPHLQDRDGAAPIHYAVQVGALQTVKLLFKYNVDVNVADNEGWTPLHIAVQSRNRDITKILLTNGADKTRR
TKDGKLALDLALCFGRDFKSYDLVKLLKIMPTGDI
;
A
2 'polypeptide(L)'
;SLSYSSQTSILPDAGDDFIVGDCLVYEDGVFEDPYLDKEVTQVAKQERKKNRRGGAKRLDESEIEPENLVPEEWRDIQAE
VNLTKKDKRKIAQEMEFGVRVEKKRQGLIPLRKVDLNDFLTYKEAKLAQLRPVILDKPGNFSDDSGASSDGETAVSSPSE
RVAPKNPRWAVYGKGFDHVAKFFNSDKYDPSDKKSDGPRKLLSKEEKFMLNSRNPDLAVATSKKWLPLHTLAACGEFYLV
DSLLKHNLDINATDVGGLTVLHRAIIGKKQAITNYLLRESANPFVLDDEGATLMHYAVQTASAPTIKLLLLYNADINAQD
RDGWTPLHVAVQARRSDIVKLLLIKGADIEVKNKDGLTPLGLCLYLGREIRTYEVMKLLKEFPLSRHKKRLVTTDEDIE
;
B
#
# COMPACT_ATOMS: atom_id res chain seq x y z
N THR A 74 32.76 12.21 -7.14
CA THR A 74 32.95 12.23 -8.58
C THR A 74 31.60 12.19 -9.30
N ASP A 75 30.92 13.32 -9.36
CA ASP A 75 29.67 13.41 -10.11
C ASP A 75 29.92 13.71 -11.59
N ASN A 76 31.16 13.46 -12.02
CA ASN A 76 31.47 13.43 -13.44
C ASN A 76 30.72 12.29 -14.09
N TYR A 77 30.31 11.32 -13.27
CA TYR A 77 29.46 10.23 -13.74
C TYR A 77 28.11 10.78 -14.16
N GLU A 78 27.60 11.77 -13.43
CA GLU A 78 26.32 12.37 -13.78
C GLU A 78 26.41 13.14 -15.08
N GLU A 79 27.48 13.92 -15.24
CA GLU A 79 27.68 14.68 -16.47
C GLU A 79 27.94 13.76 -17.65
N GLU A 80 28.67 12.68 -17.40
CA GLU A 80 28.96 11.71 -18.45
C GLU A 80 27.69 11.01 -18.88
N LEU A 81 26.87 10.62 -17.90
CA LEU A 81 25.62 9.93 -18.16
C LEU A 81 24.62 10.88 -18.82
N ALA A 82 24.56 12.11 -18.33
CA ALA A 82 23.68 13.13 -18.91
C ALA A 82 23.97 13.31 -20.40
N LYS A 83 25.24 13.40 -20.75
CA LYS A 83 25.66 13.53 -22.14
C LYS A 83 25.30 12.29 -22.97
N GLU A 84 25.56 11.10 -22.41
CA GLU A 84 25.23 9.84 -23.08
C GLU A 84 23.76 9.80 -23.48
N VAL A 85 22.90 10.21 -22.55
CA VAL A 85 21.46 10.17 -22.79
C VAL A 85 21.01 11.22 -23.80
N GLU A 86 21.54 12.44 -23.68
CA GLU A 86 21.21 13.51 -24.61
C GLU A 86 21.57 13.14 -26.04
N GLN A 87 22.64 12.38 -26.19
CA GLN A 87 23.10 11.92 -27.51
C GLN A 87 22.11 10.96 -28.17
N LEU A 88 21.26 10.35 -27.35
CA LEU A 88 20.26 9.41 -27.83
C LEU A 88 18.93 10.06 -28.21
N LEU A 89 18.73 11.29 -27.76
CA LEU A 89 17.42 11.94 -27.87
C LEU A 89 17.18 12.63 -29.21
N GLU A 90 15.91 12.69 -29.60
CA GLU A 90 15.49 13.52 -30.73
C GLU A 90 15.61 14.98 -30.28
N PRO A 91 15.72 15.91 -31.25
CA PRO A 91 15.80 17.34 -30.89
C PRO A 91 14.62 17.80 -30.04
N GLU A 92 13.42 17.31 -30.36
CA GLU A 92 12.21 17.70 -29.64
C GLU A 92 12.23 17.22 -28.20
N GLU A 93 12.75 16.02 -27.99
CA GLU A 93 12.86 15.46 -26.66
C GLU A 93 13.91 16.24 -25.85
N ARG A 94 14.98 16.62 -26.52
CA ARG A 94 16.06 17.41 -25.90
C ARG A 94 15.55 18.75 -25.39
N VAL A 95 14.71 19.41 -26.18
CA VAL A 95 14.15 20.70 -25.79
C VAL A 95 13.32 20.59 -24.50
N ILE A 96 12.51 19.55 -24.42
CA ILE A 96 11.70 19.32 -23.22
C ILE A 96 12.58 19.06 -21.99
N LEU A 97 13.60 18.22 -22.16
CA LEU A 97 14.52 17.91 -21.08
C LEU A 97 15.20 19.16 -20.52
N GLN A 98 15.72 20.02 -21.40
CA GLN A 98 16.40 21.23 -20.97
CA GLN A 98 16.40 21.22 -20.95
C GLN A 98 15.42 22.22 -20.33
N GLN A 99 14.16 22.13 -20.72
CA GLN A 99 13.12 22.99 -20.17
C GLN A 99 12.66 22.53 -18.79
N ASN A 100 13.08 21.33 -18.39
CA ASN A 100 12.63 20.76 -17.12
C ASN A 100 13.76 20.26 -16.22
N GLU A 101 14.61 21.19 -15.78
CA GLU A 101 15.67 20.87 -14.83
C GLU A 101 15.10 20.24 -13.56
N LYS A 102 14.00 20.80 -13.07
CA LYS A 102 13.31 20.28 -11.89
C LYS A 102 12.08 19.47 -12.33
N PRO A 103 11.62 18.54 -11.48
CA PRO A 103 10.43 17.76 -11.83
C PRO A 103 9.21 18.64 -12.09
N ASN A 104 8.49 18.34 -13.17
CA ASN A 104 7.29 19.06 -13.54
C ASN A 104 6.07 18.39 -12.93
N LEU A 105 5.64 18.91 -11.77
CA LEU A 105 4.58 18.28 -10.97
C LEU A 105 3.31 17.91 -11.74
N LYS A 106 2.79 18.85 -12.53
CA LYS A 106 1.54 18.59 -13.24
C LYS A 106 1.67 17.53 -14.33
N MET A 107 2.86 17.41 -14.93
CA MET A 107 3.05 16.46 -16.01
C MET A 107 3.32 15.04 -15.52
N ILE A 108 3.81 14.93 -14.27
CA ILE A 108 4.28 13.64 -13.77
C ILE A 108 3.35 13.03 -12.71
N SER A 109 2.18 13.61 -12.54
CA SER A 109 1.23 13.13 -11.54
C SER A 109 -0.13 12.86 -12.17
N THR A 110 -0.81 11.82 -11.68
CA THR A 110 -2.22 11.64 -11.98
C THR A 110 -2.98 11.24 -10.74
N LYS A 111 -4.27 10.95 -10.95
CA LYS A 111 -5.18 10.52 -9.90
C LYS A 111 -4.61 9.34 -9.11
N SER A 112 -4.33 8.25 -9.81
CA SER A 112 -3.85 7.02 -9.21
C SER A 112 -2.38 7.09 -8.76
N TRP A 113 -1.57 7.84 -9.49
CA TRP A 113 -0.12 7.79 -9.30
C TRP A 113 0.49 9.13 -8.90
N LYS A 114 0.57 9.33 -7.59
CA LYS A 114 1.23 10.50 -7.00
C LYS A 114 2.71 10.17 -6.81
N PRO A 115 3.60 11.05 -7.32
CA PRO A 115 5.05 10.81 -7.31
C PRO A 115 5.59 10.47 -5.93
N LEU A 116 5.24 11.25 -4.91
CA LEU A 116 5.71 10.97 -3.54
C LEU A 116 5.28 9.59 -3.07
N GLN A 117 4.05 9.21 -3.39
CA GLN A 117 3.53 7.91 -3.02
C GLN A 117 4.28 6.80 -3.73
N THR A 118 4.44 6.94 -5.04
CA THR A 118 5.14 5.93 -5.84
C THR A 118 6.60 5.80 -5.42
N LEU A 119 7.26 6.94 -5.22
CA LEU A 119 8.65 6.92 -4.79
C LEU A 119 8.79 6.29 -3.41
N ALA A 120 7.82 6.55 -2.54
CA ALA A 120 7.80 5.93 -1.21
C ALA A 120 7.70 4.41 -1.32
N LEU A 121 6.77 3.93 -2.13
CA LEU A 121 6.56 2.49 -2.25
C LEU A 121 7.71 1.80 -2.99
N SER A 122 8.46 2.56 -3.78
CA SER A 122 9.62 2.01 -4.49
C SER A 122 10.92 2.34 -3.77
N MET A 123 10.82 2.81 -2.54
CA MET A 123 11.97 3.04 -1.67
C MET A 123 12.94 4.08 -2.22
N GLN A 124 12.42 5.16 -2.80
CA GLN A 124 13.27 6.18 -3.40
C GLN A 124 13.32 7.43 -2.53
N ILE A 125 14.01 7.31 -1.40
CA ILE A 125 14.01 8.37 -0.40
C ILE A 125 14.63 9.68 -0.91
N GLN A 126 15.79 9.60 -1.55
CA GLN A 126 16.46 10.78 -2.08
C GLN A 126 15.57 11.52 -3.10
N LEU A 127 14.91 10.77 -3.97
CA LEU A 127 14.03 11.38 -4.96
C LEU A 127 12.83 12.05 -4.31
N MET A 128 12.34 11.48 -3.21
CA MET A 128 11.28 12.12 -2.43
C MET A 128 11.75 13.45 -1.88
N ASP A 129 12.93 13.46 -1.27
CA ASP A 129 13.52 14.68 -0.72
C ASP A 129 13.66 15.77 -1.78
N ASN A 130 14.09 15.39 -2.99
CA ASN A 130 14.21 16.34 -4.08
C ASN A 130 12.89 17.01 -4.43
N LEU A 131 11.82 16.22 -4.46
CA LEU A 131 10.48 16.74 -4.74
C LEU A 131 10.05 17.71 -3.65
N ILE A 132 10.23 17.29 -2.39
CA ILE A 132 9.84 18.09 -1.24
C ILE A 132 10.64 19.39 -1.16
N GLU A 133 11.96 19.29 -1.32
CA GLU A 133 12.84 20.46 -1.26
C GLU A 133 12.59 21.44 -2.40
N ASN A 134 12.01 20.96 -3.50
CA ASN A 134 11.64 21.82 -4.62
C ASN A 134 10.25 22.43 -4.48
N GLY A 135 9.64 22.26 -3.31
CA GLY A 135 8.40 22.96 -3.01
C GLY A 135 7.13 22.14 -2.86
N LEU A 136 7.19 20.84 -3.13
CA LEU A 136 6.03 19.98 -2.93
C LEU A 136 5.80 19.73 -1.44
N ASP A 137 4.58 20.02 -0.97
CA ASP A 137 4.24 19.82 0.43
C ASP A 137 4.38 18.34 0.80
N ILE A 138 5.09 18.06 1.88
CA ILE A 138 5.28 16.68 2.33
C ILE A 138 3.93 16.04 2.67
N ASP A 139 2.97 16.86 3.08
CA ASP A 139 1.63 16.38 3.39
C ASP A 139 0.64 16.60 2.26
N ASP A 140 1.15 16.70 1.03
CA ASP A 140 0.31 16.76 -0.15
C ASP A 140 -0.64 15.55 -0.19
N VAL A 141 -1.92 15.80 -0.41
CA VAL A 141 -2.92 14.72 -0.39
C VAL A 141 -3.42 14.34 -1.78
N ASP A 142 -3.88 13.10 -1.93
CA ASP A 142 -4.44 12.65 -3.20
C ASP A 142 -5.97 12.72 -3.20
N LYS A 143 -6.59 11.97 -4.11
CA LYS A 143 -8.04 11.98 -4.28
C LYS A 143 -8.77 11.38 -3.07
N ASP A 144 -8.04 10.60 -2.27
CA ASP A 144 -8.59 9.97 -1.07
C ASP A 144 -8.05 10.63 0.19
N ASN A 145 -7.56 11.86 0.05
CA ASN A 145 -6.97 12.62 1.14
C ASN A 145 -5.84 11.89 1.87
N GLN A 146 -5.13 11.04 1.14
CA GLN A 146 -3.98 10.32 1.70
C GLN A 146 -2.68 11.02 1.35
N THR A 147 -1.75 11.06 2.29
CA THR A 147 -0.43 11.60 2.04
C THR A 147 0.54 10.46 1.75
N ALA A 148 1.77 10.81 1.44
CA ALA A 148 2.82 9.82 1.23
C ALA A 148 3.03 8.96 2.47
N LEU A 149 2.84 9.55 3.64
CA LEU A 149 2.97 8.80 4.89
C LEU A 149 1.92 7.68 4.99
N HIS A 150 0.66 8.01 4.72
CA HIS A 150 -0.40 7.01 4.69
C HIS A 150 -0.02 5.86 3.79
N LYS A 151 0.42 6.17 2.57
CA LYS A 151 0.75 5.15 1.58
C LYS A 151 1.95 4.32 1.96
N ALA A 152 2.97 4.99 2.50
CA ALA A 152 4.18 4.31 2.94
C ALA A 152 3.87 3.29 4.03
N ILE A 153 2.87 3.61 4.86
CA ILE A 153 2.46 2.73 5.94
C ILE A 153 1.63 1.57 5.39
N ILE A 154 0.70 1.88 4.49
CA ILE A 154 -0.09 0.88 3.80
C ILE A 154 0.81 -0.13 3.06
N GLY A 155 1.97 0.33 2.61
CA GLY A 155 2.94 -0.53 1.95
C GLY A 155 3.94 -1.11 2.93
N LYS A 156 3.82 -0.73 4.20
CA LYS A 156 4.73 -1.21 5.24
C LYS A 156 6.21 -0.99 4.86
N LYS A 157 6.49 0.21 4.36
CA LYS A 157 7.85 0.62 3.99
C LYS A 157 8.48 1.36 5.16
N GLU A 158 8.95 0.62 6.16
CA GLU A 158 9.25 1.21 7.46
C GLU A 158 10.42 2.21 7.50
N ALA A 159 11.42 2.02 6.66
CA ALA A 159 12.53 2.96 6.58
C ALA A 159 12.09 4.29 5.96
N VAL A 160 11.17 4.22 5.01
CA VAL A 160 10.60 5.41 4.39
C VAL A 160 9.67 6.11 5.38
N ILE A 161 8.88 5.33 6.10
CA ILE A 161 8.00 5.85 7.14
C ILE A 161 8.76 6.70 8.16
N SER A 162 9.81 6.14 8.75
CA SER A 162 10.58 6.85 9.76
C SER A 162 11.28 8.08 9.19
N HIS A 163 11.70 8.01 7.93
CA HIS A 163 12.30 9.15 7.26
C HIS A 163 11.31 10.31 7.14
N LEU A 164 10.11 10.01 6.67
CA LEU A 164 9.05 11.00 6.54
C LEU A 164 8.71 11.68 7.86
N LEU A 165 8.60 10.88 8.92
CA LEU A 165 8.29 11.40 10.25
C LEU A 165 9.40 12.32 10.75
N ARG A 166 10.65 11.94 10.50
CA ARG A 166 11.78 12.79 10.91
C ARG A 166 11.78 14.09 10.13
N LYS A 167 11.28 14.05 8.89
CA LYS A 167 11.19 15.24 8.06
C LYS A 167 9.96 16.11 8.36
N GLY A 168 9.12 15.67 9.28
CA GLY A 168 8.00 16.48 9.72
C GLY A 168 6.66 16.15 9.09
N ALA A 169 6.56 14.99 8.44
CA ALA A 169 5.27 14.55 7.93
C ALA A 169 4.27 14.47 9.07
N ASN A 170 3.06 14.96 8.83
CA ASN A 170 2.03 15.00 9.87
C ASN A 170 1.47 13.60 10.10
N PRO A 171 1.67 13.06 11.31
CA PRO A 171 1.23 11.70 11.64
C PRO A 171 -0.21 11.64 12.14
N HIS A 172 -0.88 12.78 12.19
CA HIS A 172 -2.22 12.86 12.79
C HIS A 172 -3.35 12.88 11.77
N LEU A 173 -3.00 13.15 10.51
CA LEU A 173 -4.00 13.36 9.47
C LEU A 173 -4.88 12.16 9.18
N GLN A 174 -6.19 12.39 9.17
CA GLN A 174 -7.14 11.35 8.77
C GLN A 174 -7.45 11.49 7.29
N ASP A 175 -7.51 10.37 6.58
CA ASP A 175 -7.84 10.41 5.16
C ASP A 175 -9.35 10.48 4.93
N ARG A 176 -9.75 10.25 3.69
CA ARG A 176 -11.14 10.36 3.27
C ARG A 176 -12.06 9.44 4.06
N ASP A 177 -11.53 8.29 4.46
CA ASP A 177 -12.30 7.30 5.21
C ASP A 177 -12.18 7.53 6.72
N GLY A 178 -11.52 8.61 7.11
CA GLY A 178 -11.32 8.92 8.51
C GLY A 178 -10.19 8.10 9.13
N ALA A 179 -9.38 7.48 8.27
CA ALA A 179 -8.30 6.62 8.74
C ALA A 179 -6.99 7.39 8.90
N ALA A 180 -6.37 7.22 10.07
CA ALA A 180 -5.12 7.87 10.40
C ALA A 180 -3.95 6.91 10.16
N PRO A 181 -2.71 7.42 10.13
CA PRO A 181 -1.55 6.54 10.03
C PRO A 181 -1.54 5.38 11.05
N ILE A 182 -1.99 5.62 12.28
CA ILE A 182 -2.02 4.56 13.28
C ILE A 182 -2.99 3.43 12.90
N HIS A 183 -4.11 3.76 12.27
CA HIS A 183 -5.06 2.75 11.78
C HIS A 183 -4.35 1.78 10.81
N TYR A 184 -3.66 2.36 9.83
CA TYR A 184 -3.01 1.54 8.80
C TYR A 184 -1.81 0.77 9.32
N ALA A 185 -1.08 1.36 10.26
CA ALA A 185 0.08 0.68 10.84
C ALA A 185 -0.37 -0.56 11.59
N VAL A 186 -1.52 -0.45 12.24
CA VAL A 186 -2.11 -1.59 12.90
C VAL A 186 -2.62 -2.63 11.88
N GLN A 187 -3.29 -2.17 10.83
CA GLN A 187 -3.83 -3.11 9.83
C GLN A 187 -2.76 -3.96 9.14
N VAL A 188 -1.59 -3.37 8.87
CA VAL A 188 -0.52 -4.13 8.21
C VAL A 188 0.40 -4.80 9.22
N GLY A 189 0.04 -4.71 10.50
CA GLY A 189 0.79 -5.35 11.56
C GLY A 189 2.22 -4.85 11.74
N ALA A 190 2.44 -3.57 11.51
CA ALA A 190 3.78 -2.98 11.65
C ALA A 190 4.04 -2.52 13.07
N LEU A 191 4.45 -3.46 13.94
CA LEU A 191 4.66 -3.18 15.35
C LEU A 191 5.67 -2.04 15.61
N GLN A 192 6.75 -2.01 14.85
CA GLN A 192 7.78 -1.00 15.06
C GLN A 192 7.29 0.38 14.66
N THR A 193 6.47 0.43 13.61
CA THR A 193 5.84 1.69 13.18
C THR A 193 4.83 2.18 14.23
N VAL A 194 4.08 1.24 14.79
CA VAL A 194 3.16 1.57 15.88
C VAL A 194 3.89 2.20 17.06
N LYS A 195 4.98 1.57 17.49
CA LYS A 195 5.80 2.10 18.58
C LYS A 195 6.37 3.47 18.25
N LEU A 196 6.77 3.65 16.99
CA LEU A 196 7.32 4.92 16.55
C LEU A 196 6.26 6.02 16.57
N LEU A 197 5.03 5.69 16.16
CA LEU A 197 3.94 6.66 16.16
C LEU A 197 3.58 7.12 17.57
N PHE A 198 3.74 6.25 18.56
CA PHE A 198 3.52 6.61 19.95
C PHE A 198 4.46 7.75 20.35
N LYS A 199 5.66 7.72 19.80
CA LYS A 199 6.68 8.72 20.13
C LYS A 199 6.32 10.09 19.55
N TYR A 200 5.46 10.10 18.55
CA TYR A 200 4.97 11.35 17.98
C TYR A 200 3.63 11.73 18.59
N ASN A 201 3.27 11.03 19.66
CA ASN A 201 2.06 11.32 20.43
C ASN A 201 0.78 11.35 19.60
N VAL A 202 0.63 10.38 18.71
CA VAL A 202 -0.60 10.26 17.95
C VAL A 202 -1.76 9.89 18.86
N ASP A 203 -2.97 10.22 18.42
CA ASP A 203 -4.19 9.85 19.13
C ASP A 203 -4.47 8.37 18.86
N VAL A 204 -4.29 7.53 19.87
CA VAL A 204 -4.43 6.08 19.66
C VAL A 204 -5.89 5.64 19.66
N ASN A 205 -6.78 6.58 19.99
CA ASN A 205 -8.20 6.30 20.01
C ASN A 205 -8.96 6.95 18.86
N VAL A 206 -8.23 7.40 17.84
CA VAL A 206 -8.84 8.00 16.67
C VAL A 206 -9.84 7.05 16.02
N ALA A 207 -11.02 7.57 15.70
CA ALA A 207 -12.09 6.74 15.12
C ALA A 207 -12.29 7.12 13.66
N ASP A 208 -12.46 6.13 12.79
CA ASP A 208 -12.69 6.40 11.38
C ASP A 208 -14.17 6.73 11.13
N ASN A 209 -14.58 6.72 9.86
CA ASN A 209 -15.95 7.08 9.51
C ASN A 209 -16.99 6.14 10.11
N GLU A 210 -16.60 4.92 10.43
CA GLU A 210 -17.52 3.94 10.98
C GLU A 210 -17.29 3.71 12.48
N GLY A 211 -16.53 4.59 13.12
CA GLY A 211 -16.26 4.47 14.54
C GLY A 211 -15.23 3.43 14.92
N TRP A 212 -14.49 2.92 13.94
CA TRP A 212 -13.45 1.93 14.21
C TRP A 212 -12.17 2.60 14.70
N THR A 213 -11.63 2.09 15.81
CA THR A 213 -10.38 2.58 16.36
C THR A 213 -9.24 1.60 16.04
N PRO A 214 -7.98 2.01 16.27
CA PRO A 214 -6.88 1.05 16.08
C PRO A 214 -7.03 -0.23 16.91
N LEU A 215 -7.60 -0.14 18.10
CA LEU A 215 -7.83 -1.32 18.93
C LEU A 215 -8.76 -2.33 18.23
N HIS A 216 -9.81 -1.81 17.60
CA HIS A 216 -10.72 -2.65 16.81
C HIS A 216 -9.97 -3.41 15.71
N ILE A 217 -9.15 -2.69 14.95
CA ILE A 217 -8.39 -3.31 13.87
C ILE A 217 -7.35 -4.31 14.39
N ALA A 218 -6.71 -3.97 15.51
CA ALA A 218 -5.72 -4.86 16.11
C ALA A 218 -6.34 -6.21 16.45
N VAL A 219 -7.48 -6.16 17.13
CA VAL A 219 -8.22 -7.37 17.47
C VAL A 219 -8.71 -8.12 16.22
N GLN A 220 -9.16 -7.38 15.21
CA GLN A 220 -9.58 -8.01 13.95
C GLN A 220 -8.41 -8.77 13.32
N SER A 221 -7.21 -8.21 13.42
CA SER A 221 -6.01 -8.85 12.86
C SER A 221 -5.53 -10.02 13.70
N ARG A 222 -6.15 -10.20 14.87
CA ARG A 222 -5.84 -11.27 15.84
C ARG A 222 -4.44 -11.12 16.45
N ASN A 223 -3.83 -9.96 16.30
CA ASN A 223 -2.47 -9.76 16.81
C ASN A 223 -2.42 -9.40 18.29
N ARG A 224 -1.93 -10.35 19.10
CA ARG A 224 -1.85 -10.15 20.53
C ARG A 224 -0.85 -9.07 20.95
N ASP A 225 0.32 -9.05 20.34
CA ASP A 225 1.35 -8.07 20.68
C ASP A 225 0.88 -6.63 20.45
N ILE A 226 0.27 -6.38 19.31
CA ILE A 226 -0.18 -5.03 18.97
C ILE A 226 -1.43 -4.62 19.78
N THR A 227 -2.34 -5.57 20.00
CA THR A 227 -3.48 -5.33 20.88
C THR A 227 -2.99 -4.92 22.27
N LYS A 228 -2.02 -5.66 22.79
CA LYS A 228 -1.48 -5.39 24.12
C LYS A 228 -0.80 -4.04 24.20
N ILE A 229 -0.01 -3.70 23.20
CA ILE A 229 0.74 -2.46 23.25
C ILE A 229 -0.15 -1.22 23.10
N LEU A 230 -1.26 -1.36 22.36
CA LEU A 230 -2.25 -0.30 22.28
C LEU A 230 -2.89 -0.05 23.65
N LEU A 231 -3.26 -1.13 24.33
CA LEU A 231 -3.87 -1.04 25.66
C LEU A 231 -2.91 -0.44 26.69
N THR A 232 -1.63 -0.77 26.55
CA THR A 232 -0.59 -0.24 27.45
C THR A 232 -0.39 1.25 27.20
N ASN A 233 -0.73 1.70 25.99
CA ASN A 233 -0.54 3.10 25.63
C ASN A 233 -1.85 3.90 25.55
N GLY A 234 -2.86 3.46 26.29
CA GLY A 234 -4.05 4.25 26.50
C GLY A 234 -5.21 4.01 25.54
N ALA A 235 -5.19 2.89 24.82
CA ALA A 235 -6.32 2.53 23.96
C ALA A 235 -7.56 2.30 24.80
N ASP A 236 -8.69 2.84 24.34
CA ASP A 236 -9.95 2.82 25.09
C ASP A 236 -10.78 1.61 24.69
N LYS A 237 -10.92 0.66 25.60
CA LYS A 237 -11.62 -0.59 25.28
C LYS A 237 -13.13 -0.51 25.46
N THR A 238 -13.64 0.63 25.88
CA THR A 238 -15.09 0.84 25.92
C THR A 238 -15.58 1.74 24.78
N ARG A 239 -14.74 1.97 23.78
CA ARG A 239 -15.15 2.70 22.60
C ARG A 239 -15.83 1.76 21.61
N ARG A 240 -17.06 2.09 21.21
CA ARG A 240 -17.82 1.26 20.29
C ARG A 240 -17.84 1.83 18.88
N THR A 241 -17.92 0.95 17.89
CA THR A 241 -18.12 1.37 16.51
C THR A 241 -19.50 1.98 16.38
N LYS A 242 -19.81 2.53 15.20
CA LYS A 242 -21.09 3.19 15.00
C LYS A 242 -22.27 2.23 15.16
N ASP A 243 -22.04 0.94 14.87
CA ASP A 243 -23.07 -0.06 15.09
C ASP A 243 -22.86 -0.86 16.38
N GLY A 244 -22.17 -0.24 17.34
CA GLY A 244 -22.18 -0.70 18.72
C GLY A 244 -21.21 -1.82 19.10
N LYS A 245 -20.21 -2.09 18.27
CA LYS A 245 -19.27 -3.17 18.55
C LYS A 245 -18.09 -2.73 19.42
N LEU A 246 -17.84 -3.48 20.48
CA LEU A 246 -16.63 -3.33 21.28
C LEU A 246 -15.52 -4.16 20.65
N ALA A 247 -14.27 -3.83 20.94
CA ALA A 247 -13.16 -4.69 20.55
C ALA A 247 -13.38 -6.09 21.11
N LEU A 248 -13.98 -6.17 22.29
CA LEU A 248 -14.35 -7.43 22.90
C LEU A 248 -15.21 -8.29 21.96
N ASP A 249 -16.17 -7.65 21.29
CA ASP A 249 -17.01 -8.36 20.33
C ASP A 249 -16.20 -8.94 19.17
N LEU A 250 -15.22 -8.18 18.70
CA LEU A 250 -14.35 -8.64 17.61
C LEU A 250 -13.48 -9.80 18.06
N ALA A 251 -13.11 -9.81 19.33
CA ALA A 251 -12.31 -10.89 19.88
C ALA A 251 -13.12 -12.18 19.95
N LEU A 252 -14.36 -12.05 20.40
CA LEU A 252 -15.24 -13.20 20.64
C LEU A 252 -15.81 -13.82 19.36
N CYS A 253 -16.02 -12.99 18.35
CA CYS A 253 -16.85 -13.39 17.22
C CYS A 253 -16.25 -14.46 16.29
N PHE A 254 -14.93 -14.60 16.31
CA PHE A 254 -14.27 -15.61 15.48
C PHE A 254 -14.43 -17.01 16.05
N GLY A 255 -14.81 -17.11 17.32
CA GLY A 255 -14.94 -18.40 17.97
C GLY A 255 -13.57 -19.04 18.16
N ARG A 256 -13.53 -20.37 18.28
CA ARG A 256 -12.28 -21.06 18.53
C ARG A 256 -11.30 -21.02 17.34
N ASP A 257 -10.03 -21.32 17.63
CA ASP A 257 -8.99 -21.45 16.61
C ASP A 257 -8.62 -20.16 15.87
N PHE A 258 -8.87 -19.02 16.51
CA PHE A 258 -8.44 -17.73 15.97
C PHE A 258 -7.82 -16.87 17.07
N LYS A 259 -7.22 -17.53 18.05
CA LYS A 259 -6.59 -16.85 19.19
C LYS A 259 -7.59 -15.99 19.96
N SER A 260 -8.86 -16.39 19.91
CA SER A 260 -9.93 -15.58 20.48
C SER A 260 -9.84 -15.45 21.99
N TYR A 261 -9.57 -16.56 22.67
CA TYR A 261 -9.49 -16.54 24.13
C TYR A 261 -8.36 -15.65 24.62
N ASP A 262 -7.20 -15.73 23.97
CA ASP A 262 -6.06 -14.91 24.35
C ASP A 262 -6.37 -13.43 24.22
N LEU A 263 -7.03 -13.06 23.13
CA LEU A 263 -7.42 -11.68 22.89
C LEU A 263 -8.43 -11.19 23.94
N VAL A 264 -9.42 -12.04 24.24
CA VAL A 264 -10.41 -11.72 25.25
C VAL A 264 -9.74 -11.47 26.60
N LYS A 265 -8.78 -12.33 26.93
CA LYS A 265 -8.02 -12.22 28.17
C LYS A 265 -7.31 -10.87 28.25
N LEU A 266 -6.59 -10.49 27.20
CA LEU A 266 -5.95 -9.18 27.13
C LEU A 266 -6.95 -8.05 27.33
N LEU A 267 -8.14 -8.19 26.73
CA LEU A 267 -9.14 -7.13 26.76
C LEU A 267 -9.84 -7.04 28.11
N LYS A 268 -9.76 -8.10 28.91
CA LYS A 268 -10.41 -8.12 30.21
C LYS A 268 -9.47 -7.73 31.34
N ILE A 269 -8.16 -7.79 31.08
CA ILE A 269 -7.17 -7.54 32.11
C ILE A 269 -6.36 -6.26 31.88
N MET A 270 -5.85 -6.07 30.66
CA MET A 270 -5.07 -4.89 30.33
C MET A 270 -5.94 -3.64 30.15
N PRO A 271 -5.42 -2.47 30.58
CA PRO A 271 -4.13 -2.29 31.25
C PRO A 271 -4.19 -2.66 32.73
N THR A 272 -3.02 -2.77 33.36
CA THR A 272 -2.91 -3.24 34.75
C THR A 272 -3.50 -4.63 34.93
N ASP B 196 -11.46 -20.27 31.85
CA ASP B 196 -10.48 -20.18 32.93
C ASP B 196 -10.73 -18.95 33.79
N GLY B 197 -9.86 -17.95 33.68
CA GLY B 197 -9.99 -16.74 34.47
C GLY B 197 -10.98 -15.77 33.87
N PRO B 198 -10.56 -15.05 32.81
CA PRO B 198 -11.40 -14.06 32.11
C PRO B 198 -12.68 -14.64 31.51
N ARG B 199 -12.71 -15.94 31.25
CA ARG B 199 -13.90 -16.58 30.69
C ARG B 199 -15.11 -16.43 31.62
N LYS B 200 -14.85 -16.36 32.92
CA LYS B 200 -15.92 -16.19 33.90
C LYS B 200 -16.47 -14.76 33.87
N LEU B 201 -15.74 -13.86 33.23
CA LEU B 201 -16.17 -12.46 33.11
C LEU B 201 -17.17 -12.29 31.97
N LEU B 202 -17.37 -13.36 31.21
CA LEU B 202 -18.21 -13.31 30.03
C LEU B 202 -19.65 -13.71 30.34
N SER B 203 -20.59 -13.14 29.61
CA SER B 203 -21.98 -13.56 29.72
C SER B 203 -22.16 -14.90 29.02
N LYS B 204 -23.29 -15.55 29.27
CA LYS B 204 -23.63 -16.81 28.62
C LYS B 204 -23.58 -16.66 27.11
N GLU B 205 -24.12 -15.56 26.62
CA GLU B 205 -24.18 -15.28 25.19
C GLU B 205 -22.78 -15.08 24.62
N GLU B 206 -21.92 -14.43 25.40
CA GLU B 206 -20.55 -14.18 24.96
C GLU B 206 -19.71 -15.46 24.98
N LYS B 207 -19.93 -16.30 25.99
CA LYS B 207 -19.23 -17.58 26.07
C LYS B 207 -19.62 -18.49 24.91
N PHE B 208 -20.89 -18.44 24.55
CA PHE B 208 -21.40 -19.20 23.41
C PHE B 208 -20.70 -18.77 22.12
N MET B 209 -20.41 -17.47 22.01
CA MET B 209 -19.68 -16.95 20.86
C MET B 209 -18.25 -17.49 20.84
N LEU B 210 -17.63 -17.50 22.01
CA LEU B 210 -16.23 -17.90 22.13
C LEU B 210 -16.02 -19.36 21.76
N ASN B 211 -17.00 -20.19 22.11
CA ASN B 211 -16.92 -21.63 21.89
C ASN B 211 -17.45 -22.06 20.53
N SER B 212 -17.91 -21.10 19.72
CA SER B 212 -18.49 -21.41 18.42
C SER B 212 -17.47 -22.02 17.47
N ARG B 213 -17.91 -23.04 16.73
CA ARG B 213 -17.03 -23.75 15.81
C ARG B 213 -16.82 -22.98 14.50
N ASN B 214 -17.65 -21.97 14.27
CA ASN B 214 -17.53 -21.15 13.07
C ASN B 214 -17.64 -19.67 13.40
N PRO B 215 -16.79 -18.84 12.77
CA PRO B 215 -16.77 -17.39 13.05
C PRO B 215 -18.06 -16.70 12.63
N ASP B 216 -18.40 -15.63 13.33
CA ASP B 216 -19.51 -14.77 12.94
C ASP B 216 -18.89 -13.54 12.27
N LEU B 217 -18.68 -13.63 10.97
CA LEU B 217 -17.89 -12.62 10.25
C LEU B 217 -18.57 -11.26 10.10
N ALA B 218 -19.90 -11.23 10.18
CA ALA B 218 -20.63 -9.97 10.11
C ALA B 218 -20.21 -9.02 11.23
N VAL B 219 -20.03 -9.57 12.43
CA VAL B 219 -19.54 -8.78 13.55
C VAL B 219 -18.13 -8.24 13.27
N ALA B 220 -17.31 -9.06 12.64
CA ALA B 220 -15.90 -8.71 12.42
C ALA B 220 -15.64 -7.83 11.20
N THR B 221 -16.71 -7.38 10.53
CA THR B 221 -16.57 -6.70 9.25
C THR B 221 -17.17 -5.29 9.24
N SER B 222 -16.50 -4.39 8.55
CA SER B 222 -17.08 -3.10 8.18
C SER B 222 -16.82 -2.91 6.68
N LYS B 223 -17.30 -1.82 6.11
CA LYS B 223 -17.06 -1.53 4.70
C LYS B 223 -15.58 -1.22 4.45
N LYS B 224 -14.94 -0.62 5.44
CA LYS B 224 -13.54 -0.19 5.32
C LYS B 224 -12.54 -1.30 5.68
N TRP B 225 -12.81 -2.00 6.79
CA TRP B 225 -11.89 -3.02 7.28
C TRP B 225 -12.52 -4.41 7.17
N LEU B 226 -12.14 -5.15 6.13
CA LEU B 226 -12.64 -6.50 5.92
C LEU B 226 -11.63 -7.46 6.53
N PRO B 227 -12.12 -8.42 7.34
CA PRO B 227 -11.24 -9.33 8.08
C PRO B 227 -10.28 -10.09 7.17
N LEU B 228 -10.76 -10.55 6.02
CA LEU B 228 -9.89 -11.21 5.05
C LEU B 228 -8.78 -10.29 4.57
N HIS B 229 -9.13 -9.03 4.30
CA HIS B 229 -8.15 -8.05 3.82
C HIS B 229 -7.12 -7.75 4.89
N THR B 230 -7.59 -7.57 6.12
CA THR B 230 -6.73 -7.28 7.24
C THR B 230 -5.74 -8.42 7.49
N LEU B 231 -6.25 -9.65 7.49
CA LEU B 231 -5.42 -10.80 7.75
C LEU B 231 -4.34 -10.96 6.69
N ALA B 232 -4.71 -10.69 5.44
CA ALA B 232 -3.75 -10.76 4.34
C ALA B 232 -2.71 -9.64 4.44
N ALA B 233 -3.18 -8.42 4.72
CA ALA B 233 -2.33 -7.24 4.76
C ALA B 233 -1.24 -7.35 5.82
N CYS B 234 -1.56 -8.03 6.92
CA CYS B 234 -0.58 -8.16 7.98
C CYS B 234 0.15 -9.51 7.94
N GLY B 235 -0.18 -10.35 6.98
CA GLY B 235 0.60 -11.52 6.68
C GLY B 235 0.19 -12.82 7.36
N GLU B 236 -1.03 -12.86 7.91
CA GLU B 236 -1.50 -14.05 8.61
C GLU B 236 -1.95 -15.14 7.64
N PHE B 237 -0.99 -15.83 7.04
CA PHE B 237 -1.29 -16.85 6.02
C PHE B 237 -2.21 -17.96 6.49
N TYR B 238 -1.87 -18.60 7.61
CA TYR B 238 -2.69 -19.69 8.13
C TYR B 238 -4.14 -19.27 8.40
N LEU B 239 -4.31 -18.05 8.91
CA LEU B 239 -5.64 -17.54 9.23
C LEU B 239 -6.43 -17.13 7.98
N VAL B 240 -5.73 -16.57 6.99
CA VAL B 240 -6.36 -16.29 5.71
C VAL B 240 -6.94 -17.58 5.13
N ASP B 241 -6.12 -18.63 5.14
CA ASP B 241 -6.56 -19.93 4.63
C ASP B 241 -7.72 -20.52 5.43
N SER B 242 -7.70 -20.33 6.74
CA SER B 242 -8.80 -20.78 7.59
C SER B 242 -10.10 -20.06 7.25
N LEU B 243 -10.03 -18.74 7.09
CA LEU B 243 -11.22 -17.96 6.77
C LEU B 243 -11.82 -18.40 5.44
N LEU B 244 -10.95 -18.61 4.46
CA LEU B 244 -11.38 -18.98 3.12
C LEU B 244 -11.99 -20.38 3.07
N LYS B 245 -11.82 -21.13 4.15
CA LYS B 245 -12.43 -22.46 4.22
C LYS B 245 -13.88 -22.36 4.67
N HIS B 246 -14.26 -21.18 5.18
CA HIS B 246 -15.66 -20.90 5.50
C HIS B 246 -16.34 -20.22 4.32
N ASN B 247 -17.47 -19.57 4.56
CA ASN B 247 -18.24 -18.97 3.46
C ASN B 247 -17.82 -17.53 3.20
N LEU B 248 -16.82 -17.36 2.34
CA LEU B 248 -16.25 -16.05 2.08
C LEU B 248 -16.03 -15.81 0.60
N ASP B 249 -16.48 -14.64 0.14
CA ASP B 249 -16.19 -14.20 -1.21
C ASP B 249 -14.74 -13.72 -1.29
N ILE B 250 -13.90 -14.47 -2.02
CA ILE B 250 -12.49 -14.16 -2.13
C ILE B 250 -12.25 -12.86 -2.92
N ASN B 251 -13.25 -12.46 -3.70
CA ASN B 251 -13.14 -11.27 -4.54
C ASN B 251 -13.86 -10.04 -3.97
N ALA B 252 -14.32 -10.16 -2.72
CA ALA B 252 -15.03 -9.05 -2.07
C ALA B 252 -14.18 -7.78 -2.02
N THR B 253 -14.84 -6.63 -2.13
CA THR B 253 -14.14 -5.35 -2.18
C THR B 253 -14.37 -4.51 -0.93
N ASP B 254 -13.40 -3.68 -0.60
CA ASP B 254 -13.56 -2.72 0.49
C ASP B 254 -14.29 -1.48 -0.03
N VAL B 255 -14.43 -0.48 0.84
CA VAL B 255 -15.19 0.73 0.51
C VAL B 255 -14.57 1.49 -0.68
N GLY B 256 -13.31 1.19 -0.97
CA GLY B 256 -12.60 1.85 -2.04
C GLY B 256 -12.48 1.01 -3.31
N GLY B 257 -13.06 -0.17 -3.30
CA GLY B 257 -13.07 -1.02 -4.48
C GLY B 257 -11.87 -1.95 -4.62
N LEU B 258 -11.09 -2.08 -3.56
CA LEU B 258 -9.94 -2.98 -3.59
C LEU B 258 -10.30 -4.36 -3.06
N THR B 259 -9.60 -5.38 -3.54
CA THR B 259 -9.81 -6.75 -3.07
C THR B 259 -8.64 -7.19 -2.22
N VAL B 260 -8.73 -8.41 -1.68
CA VAL B 260 -7.65 -8.97 -0.87
C VAL B 260 -6.33 -9.09 -1.64
N LEU B 261 -6.43 -9.26 -2.97
CA LEU B 261 -5.25 -9.33 -3.82
C LEU B 261 -4.48 -8.02 -3.85
N HIS B 262 -5.21 -6.91 -3.93
CA HIS B 262 -4.59 -5.58 -3.85
C HIS B 262 -3.78 -5.45 -2.56
N ARG B 263 -4.38 -5.86 -1.45
CA ARG B 263 -3.75 -5.70 -0.14
C ARG B 263 -2.50 -6.58 0.00
N ALA B 264 -2.60 -7.83 -0.46
CA ALA B 264 -1.46 -8.73 -0.41
C ALA B 264 -0.32 -8.22 -1.30
N ILE B 265 -0.68 -7.66 -2.45
CA ILE B 265 0.32 -7.17 -3.40
C ILE B 265 1.01 -5.90 -2.92
N ILE B 266 0.22 -4.91 -2.49
CA ILE B 266 0.76 -3.64 -2.02
C ILE B 266 1.75 -3.83 -0.87
N GLY B 267 1.43 -4.76 0.03
CA GLY B 267 2.29 -5.04 1.17
C GLY B 267 3.38 -6.05 0.87
N LYS B 268 3.48 -6.48 -0.39
CA LYS B 268 4.46 -7.48 -0.81
C LYS B 268 4.39 -8.76 0.01
N LYS B 269 3.16 -9.20 0.30
CA LYS B 269 2.95 -10.48 0.95
C LYS B 269 2.95 -11.57 -0.11
N GLN B 270 4.15 -12.00 -0.50
CA GLN B 270 4.33 -12.82 -1.68
C GLN B 270 3.68 -14.20 -1.61
N ALA B 271 3.84 -14.88 -0.48
CA ALA B 271 3.28 -16.22 -0.33
C ALA B 271 1.75 -16.17 -0.37
N ILE B 272 1.17 -15.18 0.31
CA ILE B 272 -0.27 -14.99 0.32
C ILE B 272 -0.78 -14.64 -1.08
N THR B 273 -0.02 -13.84 -1.82
CA THR B 273 -0.40 -13.48 -3.17
C THR B 273 -0.45 -14.70 -4.09
N ASN B 274 0.59 -15.54 -4.00
CA ASN B 274 0.64 -16.78 -4.76
C ASN B 274 -0.54 -17.67 -4.40
N TYR B 275 -0.80 -17.80 -3.10
CA TYR B 275 -1.87 -18.64 -2.60
C TYR B 275 -3.22 -18.17 -3.13
N LEU B 276 -3.50 -16.88 -3.01
CA LEU B 276 -4.76 -16.31 -3.48
C LEU B 276 -5.04 -16.60 -4.97
N LEU B 277 -4.03 -16.44 -5.81
CA LEU B 277 -4.17 -16.74 -7.23
C LEU B 277 -4.40 -18.24 -7.44
N ARG B 278 -3.66 -19.04 -6.69
CA ARG B 278 -3.78 -20.49 -6.72
C ARG B 278 -5.18 -20.91 -6.30
N GLU B 279 -5.82 -20.11 -5.45
CA GLU B 279 -7.19 -20.38 -5.02
C GLU B 279 -8.22 -19.64 -5.88
N SER B 280 -7.80 -19.26 -7.08
CA SER B 280 -8.70 -18.68 -8.09
C SER B 280 -9.28 -17.31 -7.75
N ALA B 281 -8.55 -16.52 -6.97
CA ALA B 281 -8.91 -15.11 -6.82
C ALA B 281 -8.79 -14.48 -8.21
N ASN B 282 -9.71 -13.57 -8.53
CA ASN B 282 -9.76 -12.96 -9.86
C ASN B 282 -8.61 -11.97 -10.07
N PRO B 283 -7.67 -12.31 -10.97
CA PRO B 283 -6.50 -11.46 -11.20
C PRO B 283 -6.78 -10.26 -12.11
N PHE B 284 -7.98 -10.18 -12.66
CA PHE B 284 -8.31 -9.15 -13.65
C PHE B 284 -9.14 -8.01 -13.07
N VAL B 285 -9.29 -7.98 -11.75
CA VAL B 285 -10.04 -6.92 -11.09
C VAL B 285 -9.41 -5.55 -11.35
N LEU B 286 -10.26 -4.53 -11.48
CA LEU B 286 -9.82 -3.16 -11.64
C LEU B 286 -10.19 -2.36 -10.40
N ASP B 287 -9.43 -1.31 -10.10
CA ASP B 287 -9.75 -0.46 -8.96
C ASP B 287 -10.69 0.66 -9.38
N ASP B 288 -10.84 1.68 -8.53
CA ASP B 288 -11.81 2.74 -8.81
C ASP B 288 -11.33 3.75 -9.86
N GLU B 289 -10.19 3.49 -10.49
CA GLU B 289 -9.68 4.35 -11.56
C GLU B 289 -9.23 3.54 -12.78
N GLY B 290 -9.63 2.28 -12.83
CA GLY B 290 -9.32 1.43 -13.97
C GLY B 290 -7.91 0.87 -13.98
N ALA B 291 -7.18 1.00 -12.88
CA ALA B 291 -5.83 0.43 -12.79
C ALA B 291 -5.91 -1.07 -12.52
N THR B 292 -4.91 -1.81 -13.02
CA THR B 292 -4.85 -3.25 -12.86
C THR B 292 -3.91 -3.65 -11.74
N LEU B 293 -3.90 -4.94 -11.39
CA LEU B 293 -2.99 -5.44 -10.34
C LEU B 293 -1.53 -5.21 -10.73
N MET B 294 -1.24 -5.30 -12.02
CA MET B 294 0.12 -5.07 -12.53
C MET B 294 0.62 -3.67 -12.18
N HIS B 295 -0.27 -2.68 -12.28
CA HIS B 295 0.06 -1.31 -11.89
C HIS B 295 0.51 -1.26 -10.44
N TYR B 296 -0.18 -2.00 -9.58
CA TYR B 296 0.14 -2.06 -8.15
C TYR B 296 1.43 -2.82 -7.88
N ALA B 297 1.62 -3.94 -8.59
CA ALA B 297 2.85 -4.72 -8.44
C ALA B 297 4.08 -3.90 -8.84
N VAL B 298 3.91 -3.07 -9.86
CA VAL B 298 4.98 -2.19 -10.32
C VAL B 298 5.25 -1.06 -9.33
N GLN B 299 4.19 -0.41 -8.86
CA GLN B 299 4.34 0.71 -7.94
C GLN B 299 5.11 0.32 -6.68
N THR B 300 4.87 -0.90 -6.21
CA THR B 300 5.47 -1.38 -4.99
C THR B 300 6.80 -2.08 -5.28
N ALA B 301 7.20 -2.06 -6.56
CA ALA B 301 8.47 -2.63 -7.01
C ALA B 301 8.62 -4.12 -6.69
N SER B 302 7.61 -4.90 -7.05
CA SER B 302 7.62 -6.33 -6.77
C SER B 302 7.83 -7.18 -8.02
N ALA B 303 9.10 -7.46 -8.36
CA ALA B 303 9.42 -8.31 -9.49
C ALA B 303 8.77 -9.72 -9.48
N PRO B 304 8.76 -10.40 -8.31
CA PRO B 304 8.11 -11.72 -8.32
C PRO B 304 6.62 -11.68 -8.63
N THR B 305 5.92 -10.67 -8.14
CA THR B 305 4.49 -10.53 -8.41
C THR B 305 4.22 -10.16 -9.86
N ILE B 306 5.04 -9.26 -10.41
CA ILE B 306 4.96 -8.91 -11.82
C ILE B 306 5.03 -10.18 -12.68
N LYS B 307 6.01 -11.03 -12.39
CA LYS B 307 6.19 -12.28 -13.12
C LYS B 307 4.98 -13.19 -12.94
N LEU B 308 4.52 -13.29 -11.69
CA LEU B 308 3.38 -14.12 -11.35
C LEU B 308 2.11 -13.69 -12.09
N LEU B 309 1.85 -12.37 -12.13
CA LEU B 309 0.68 -11.85 -12.82
C LEU B 309 0.72 -12.16 -14.32
N LEU B 310 1.91 -12.12 -14.91
CA LEU B 310 2.07 -12.48 -16.32
C LEU B 310 1.74 -13.94 -16.59
N LEU B 311 2.14 -14.83 -15.68
CA LEU B 311 1.79 -16.24 -15.80
C LEU B 311 0.28 -16.43 -15.77
N TYR B 312 -0.42 -15.53 -15.09
CA TYR B 312 -1.87 -15.56 -15.04
C TYR B 312 -2.50 -14.68 -16.11
N ASN B 313 -1.75 -14.44 -17.17
CA ASN B 313 -2.25 -13.78 -18.38
C ASN B 313 -2.60 -12.30 -18.23
N ALA B 314 -1.89 -11.58 -17.36
CA ALA B 314 -2.06 -10.14 -17.26
C ALA B 314 -1.65 -9.44 -18.56
N ASP B 315 -2.36 -8.38 -18.91
CA ASP B 315 -1.97 -7.52 -20.04
C ASP B 315 -0.95 -6.51 -19.52
N ILE B 316 0.29 -6.66 -19.95
CA ILE B 316 1.38 -5.84 -19.43
C ILE B 316 1.25 -4.38 -19.89
N ASN B 317 0.45 -4.16 -20.93
CA ASN B 317 0.29 -2.83 -21.52
C ASN B 317 -1.03 -2.16 -21.15
N ALA B 318 -1.73 -2.69 -20.15
CA ALA B 318 -3.05 -2.17 -19.79
C ALA B 318 -2.96 -0.72 -19.34
N GLN B 319 -3.93 0.09 -19.75
CA GLN B 319 -3.96 1.50 -19.37
C GLN B 319 -5.09 1.77 -18.41
N ASP B 320 -4.83 2.58 -17.38
CA ASP B 320 -5.88 3.09 -16.52
C ASP B 320 -6.66 4.20 -17.24
N ARG B 321 -7.57 4.85 -16.51
CA ARG B 321 -8.42 5.87 -17.11
C ARG B 321 -7.62 7.04 -17.71
N ASP B 322 -6.47 7.31 -17.12
CA ASP B 322 -5.63 8.42 -17.57
C ASP B 322 -4.60 7.97 -18.61
N GLY B 323 -4.70 6.73 -19.05
CA GLY B 323 -3.84 6.21 -20.10
C GLY B 323 -2.47 5.72 -19.64
N TRP B 324 -2.27 5.65 -18.32
CA TRP B 324 -0.98 5.18 -17.78
C TRP B 324 -0.86 3.66 -17.80
N THR B 325 0.26 3.19 -18.34
CA THR B 325 0.60 1.76 -18.32
C THR B 325 1.41 1.46 -17.06
N PRO B 326 1.63 0.17 -16.76
CA PRO B 326 2.56 -0.15 -15.68
C PRO B 326 3.96 0.43 -15.95
N LEU B 327 4.37 0.49 -17.21
CA LEU B 327 5.67 1.06 -17.55
C LEU B 327 5.76 2.55 -17.17
N HIS B 328 4.65 3.28 -17.35
CA HIS B 328 4.59 4.68 -16.92
C HIS B 328 4.84 4.79 -15.42
N VAL B 329 4.26 3.87 -14.65
CA VAL B 329 4.44 3.87 -13.20
C VAL B 329 5.88 3.51 -12.82
N ALA B 330 6.44 2.53 -13.52
CA ALA B 330 7.81 2.10 -13.25
C ALA B 330 8.80 3.24 -13.52
N VAL B 331 8.54 3.98 -14.58
CA VAL B 331 9.34 5.15 -14.93
C VAL B 331 9.20 6.23 -13.86
N GLN B 332 7.98 6.48 -13.41
CA GLN B 332 7.74 7.44 -12.33
C GLN B 332 8.52 7.04 -11.07
N ALA B 333 8.58 5.74 -10.82
CA ALA B 333 9.30 5.21 -9.66
C ALA B 333 10.82 5.30 -9.80
N ARG B 334 11.28 5.51 -11.04
CA ARG B 334 12.71 5.54 -11.36
C ARG B 334 13.43 4.23 -11.02
N ARG B 335 12.68 3.13 -11.04
CA ARG B 335 13.26 1.83 -10.74
C ARG B 335 13.73 1.13 -12.01
N SER B 336 15.04 1.24 -12.29
CA SER B 336 15.61 0.66 -13.51
C SER B 336 15.45 -0.85 -13.58
N ASP B 337 15.56 -1.51 -12.42
CA ASP B 337 15.36 -2.95 -12.37
C ASP B 337 13.93 -3.35 -12.79
N ILE B 338 12.95 -2.58 -12.34
CA ILE B 338 11.56 -2.86 -12.70
C ILE B 338 11.28 -2.52 -14.17
N VAL B 339 11.77 -1.37 -14.62
CA VAL B 339 11.64 -0.98 -16.03
C VAL B 339 12.20 -2.05 -16.95
N LYS B 340 13.41 -2.52 -16.61
CA LYS B 340 14.08 -3.55 -17.40
C LYS B 340 13.25 -4.82 -17.49
N LEU B 341 12.74 -5.26 -16.34
CA LEU B 341 11.90 -6.46 -16.28
C LEU B 341 10.68 -6.34 -17.20
N LEU B 342 9.98 -5.22 -17.11
CA LEU B 342 8.82 -4.96 -17.97
C LEU B 342 9.19 -4.99 -19.46
N LEU B 343 10.31 -4.36 -19.81
CA LEU B 343 10.78 -4.34 -21.20
C LEU B 343 11.06 -5.75 -21.71
N ILE B 344 11.79 -6.52 -20.91
CA ILE B 344 12.08 -7.91 -21.22
C ILE B 344 10.79 -8.72 -21.43
N LYS B 345 9.77 -8.40 -20.65
CA LYS B 345 8.50 -9.13 -20.75
C LYS B 345 7.58 -8.56 -21.82
N GLY B 346 8.11 -7.69 -22.66
CA GLY B 346 7.39 -7.23 -23.83
C GLY B 346 6.53 -5.99 -23.69
N ALA B 347 6.82 -5.16 -22.69
CA ALA B 347 6.07 -3.92 -22.52
C ALA B 347 6.28 -3.00 -23.72
N ASP B 348 5.21 -2.33 -24.15
CA ASP B 348 5.23 -1.47 -25.32
C ASP B 348 5.63 -0.05 -24.92
N ILE B 349 6.78 0.41 -25.40
CA ILE B 349 7.27 1.73 -25.04
C ILE B 349 6.57 2.86 -25.79
N GLU B 350 5.76 2.50 -26.79
CA GLU B 350 5.11 3.50 -27.63
C GLU B 350 3.71 3.89 -27.15
N VAL B 351 3.22 3.25 -26.09
CA VAL B 351 1.91 3.58 -25.56
C VAL B 351 1.93 4.94 -24.86
N LYS B 352 1.03 5.83 -25.27
CA LYS B 352 0.95 7.17 -24.72
C LYS B 352 -0.18 7.33 -23.70
N ASN B 353 0.07 8.12 -22.66
CA ASN B 353 -0.99 8.49 -21.74
C ASN B 353 -1.81 9.64 -22.31
N LYS B 354 -2.77 10.14 -21.55
CA LYS B 354 -3.70 11.15 -22.06
C LYS B 354 -3.02 12.47 -22.41
N ASP B 355 -1.84 12.71 -21.83
CA ASP B 355 -1.07 13.92 -22.13
C ASP B 355 -0.22 13.73 -23.37
N GLY B 356 -0.35 12.58 -24.02
CA GLY B 356 0.41 12.28 -25.22
C GLY B 356 1.84 11.84 -24.93
N LEU B 357 2.08 11.39 -23.71
CA LEU B 357 3.43 11.01 -23.30
C LEU B 357 3.63 9.50 -23.24
N THR B 358 4.64 9.02 -23.97
CA THR B 358 5.14 7.67 -23.79
C THR B 358 5.85 7.61 -22.44
N PRO B 359 6.26 6.42 -21.99
CA PRO B 359 7.05 6.41 -20.76
C PRO B 359 8.33 7.24 -20.87
N LEU B 360 8.95 7.23 -22.06
CA LEU B 360 10.12 8.08 -22.27
C LEU B 360 9.76 9.56 -22.20
N GLY B 361 8.65 9.93 -22.85
CA GLY B 361 8.15 11.29 -22.77
C GLY B 361 7.96 11.74 -21.33
N LEU B 362 7.38 10.87 -20.52
CA LEU B 362 7.18 11.16 -19.09
C LEU B 362 8.53 11.41 -18.41
N CYS B 363 9.52 10.60 -18.74
CA CYS B 363 10.88 10.72 -18.22
C CYS B 363 11.46 12.13 -18.39
N LEU B 364 11.13 12.76 -19.50
CA LEU B 364 11.66 14.08 -19.83
C LEU B 364 11.21 15.17 -18.86
N TYR B 365 10.14 14.88 -18.12
CA TYR B 365 9.54 15.84 -17.19
C TYR B 365 9.85 15.54 -15.72
N LEU B 366 10.55 14.43 -15.47
CA LEU B 366 10.74 13.94 -14.11
C LEU B 366 11.82 14.67 -13.31
N GLY B 367 12.63 15.47 -13.98
CA GLY B 367 13.71 16.19 -13.32
C GLY B 367 15.05 15.56 -13.64
N ARG B 368 16.00 16.39 -14.05
CA ARG B 368 17.33 15.92 -14.43
C ARG B 368 18.12 15.41 -13.23
N GLU B 369 18.40 14.12 -13.23
CA GLU B 369 18.95 13.45 -12.06
C GLU B 369 19.45 12.07 -12.52
N ILE B 370 20.44 11.53 -11.82
CA ILE B 370 21.10 10.29 -12.25
C ILE B 370 20.17 9.10 -12.46
N ARG B 371 19.30 8.83 -11.49
CA ARG B 371 18.38 7.71 -11.59
C ARG B 371 17.42 7.89 -12.78
N THR B 372 17.01 9.13 -13.01
CA THR B 372 16.14 9.43 -14.14
C THR B 372 16.86 9.19 -15.46
N TYR B 373 18.12 9.62 -15.53
CA TYR B 373 18.94 9.38 -16.71
C TYR B 373 19.11 7.88 -17.02
N GLU B 374 19.26 7.08 -15.97
CA GLU B 374 19.45 5.64 -16.15
C GLU B 374 18.22 5.01 -16.79
N VAL B 375 17.04 5.45 -16.38
CA VAL B 375 15.80 4.96 -16.96
C VAL B 375 15.67 5.38 -18.41
N MET B 376 15.95 6.66 -18.69
CA MET B 376 15.91 7.19 -20.05
C MET B 376 16.78 6.38 -20.99
N LYS B 377 17.98 6.03 -20.49
CA LYS B 377 18.93 5.24 -21.28
C LYS B 377 18.37 3.88 -21.63
N LEU B 378 17.78 3.21 -20.65
CA LEU B 378 17.12 1.93 -20.85
C LEU B 378 16.03 2.02 -21.92
N LEU B 379 15.20 3.06 -21.81
CA LEU B 379 14.09 3.27 -22.74
C LEU B 379 14.55 3.52 -24.18
N LYS B 380 15.61 4.30 -24.36
CA LYS B 380 16.13 4.60 -25.69
C LYS B 380 16.92 3.44 -26.28
N GLU B 381 17.64 2.70 -25.44
CA GLU B 381 18.53 1.66 -25.91
C GLU B 381 17.86 0.30 -26.15
N PHE B 382 16.89 -0.05 -25.31
CA PHE B 382 16.27 -1.37 -25.36
C PHE B 382 15.69 -1.83 -26.71
N PRO B 383 14.96 -0.95 -27.43
CA PRO B 383 14.44 -1.38 -28.72
C PRO B 383 15.54 -1.79 -29.70
N LEU B 384 16.70 -1.14 -29.58
CA LEU B 384 17.83 -1.43 -30.46
C LEU B 384 18.43 -2.79 -30.18
N SER B 385 18.26 -3.28 -28.95
CA SER B 385 18.81 -4.57 -28.55
C SER B 385 17.92 -5.72 -29.03
N ARG B 386 16.96 -5.39 -29.88
CA ARG B 386 16.02 -6.38 -30.41
C ARG B 386 16.32 -6.65 -31.89
N HIS B 387 16.58 -7.92 -32.20
CA HIS B 387 16.91 -8.31 -33.57
C HIS B 387 16.13 -9.54 -34.01
#